data_6TNA
#
_entry.id   6TNA
#
_cell.length_a   33.000
_cell.length_b   56.000
_cell.length_c   161.000
_cell.angle_alpha   90.00
_cell.angle_beta   90.00
_cell.angle_gamma   90.00
#
_symmetry.space_group_name_H-M   'P 21 2 21'
#
loop_
_entity.id
_entity.type
_entity.pdbx_description
1 polymer TRNAPHE
2 non-polymer 'MAGNESIUM ION'
3 water water
#
_entity_poly.entity_id   1
_entity_poly.type   'polyribonucleotide'
_entity_poly.pdbx_seq_one_letter_code
;GCGGAUUUA(2MG)CUCAG(H2U)(H2U)GGGAGAGC(M2G)CCAGA(OMC)U(OMG)AA(YG)A(PSU)(5MC)UGGAG
(7MG)UC(5MC)UGUG(5MU)(PSU)CG(1MA)UCCACAGAAUUCGCACCA
;
_entity_poly.pdbx_strand_id   A
#
loop_
_chem_comp.id
_chem_comp.type
_chem_comp.name
_chem_comp.formula
1MA RNA linking 6-HYDRO-1-METHYLADENOSINE-5'-MONOPHOSPHATE 'C11 H16 N5 O7 P'
2MG RNA linking 2N-METHYLGUANOSINE-5'-MONOPHOSPHATE 'C11 H16 N5 O8 P'
5MC RNA linking 5-METHYLCYTIDINE-5'-MONOPHOSPHATE 'C10 H16 N3 O8 P'
5MU RNA linking '5-METHYLURIDINE 5'-MONOPHOSPHATE' 'C10 H15 N2 O9 P'
7MG RNA linking 7N-METHYL-8-HYDROGUANOSINE-5'-MONOPHOSPHATE 'C11 H18 N5 O8 P'
A RNA linking ADENOSINE-5'-MONOPHOSPHATE 'C10 H14 N5 O7 P'
C RNA linking CYTIDINE-5'-MONOPHOSPHATE 'C9 H14 N3 O8 P'
G RNA linking GUANOSINE-5'-MONOPHOSPHATE 'C10 H14 N5 O8 P'
H2U RNA linking 5,6-DIHYDROURIDINE-5'-MONOPHOSPHATE 'C9 H15 N2 O9 P'
M2G RNA linking N2-DIMETHYLGUANOSINE-5'-MONOPHOSPHATE 'C12 H18 N5 O8 P'
MG non-polymer 'MAGNESIUM ION' 'Mg 2'
OMC RNA linking O2'-METHYLYCYTIDINE-5'-MONOPHOSPHATE 'C10 H16 N3 O8 P'
OMG RNA linking O2'-METHYLGUANOSINE-5'-MONOPHOSPHATE 'C11 H16 N5 O8 P'
PSU RNA linking PSEUDOURIDINE-5'-MONOPHOSPHATE 'C9 H13 N2 O9 P'
U RNA linking URIDINE-5'-MONOPHOSPHATE 'C9 H13 N2 O9 P'
YG RNA linking WYBUTOSINE 'C21 H29 N6 O12 P'
#
# COMPACT_ATOMS: atom_id res chain seq x y z
P 2MG A 10 1.30 -0.49 -11.96
OP1 2MG A 10 1.92 -1.82 -12.17
OP2 2MG A 10 2.01 0.64 -12.60
O5' 2MG A 10 -0.21 -0.50 -12.44
C5' 2MG A 10 -0.58 -1.46 -13.46
C4' 2MG A 10 -2.10 -1.68 -13.43
O4' 2MG A 10 -2.36 -2.95 -12.76
C3' 2MG A 10 -2.92 -0.60 -12.75
O3' 2MG A 10 -3.34 0.40 -13.65
C2' 2MG A 10 -4.07 -1.41 -12.15
O2' 2MG A 10 -5.03 -1.72 -13.14
C1' 2MG A 10 -3.37 -2.72 -11.78
N9 2MG A 10 -2.74 -2.71 -10.45
C8 2MG A 10 -1.40 -2.72 -10.11
N7 2MG A 10 -1.17 -2.71 -8.82
C5 2MG A 10 -2.45 -2.70 -8.25
C6 2MG A 10 -2.83 -2.67 -6.90
O6 2MG A 10 -2.12 -2.67 -5.88
N1 2MG A 10 -4.23 -2.67 -6.76
C2 2MG A 10 -5.13 -2.67 -7.82
N2 2MG A 10 -6.41 -2.66 -7.47
CM2 2MG A 10 -7.36 -2.67 -8.60
N3 2MG A 10 -4.76 -2.68 -9.09
C4 2MG A 10 -3.40 -2.70 -9.23
P H2U A 16 3.13 16.97 1.93
OP1 H2U A 16 2.03 17.13 0.95
OP2 H2U A 16 4.49 16.91 1.34
O5' H2U A 16 3.07 18.14 3.01
C5' H2U A 16 3.68 17.89 4.29
C4' H2U A 16 4.23 19.19 4.86
O4' H2U A 16 3.45 20.30 4.38
C3' H2U A 16 4.16 19.21 6.40
O3' H2U A 16 5.34 19.77 6.99
C1' H2U A 16 3.04 21.09 5.50
C2' H2U A 16 2.92 20.08 6.61
O2' H2U A 16 2.80 20.68 7.90
N1 H2U A 16 1.83 21.80 5.15
C2 H2U A 16 1.86 22.69 4.14
O2 H2U A 16 2.85 22.92 3.44
N3 H2U A 16 0.69 23.39 3.89
C4 H2U A 16 -0.54 23.12 4.43
O4 H2U A 16 -1.52 23.77 4.07
C5 H2U A 16 -0.59 21.99 5.39
C6 H2U A 16 0.74 21.82 6.10
P H2U A 17 6.71 18.98 6.70
OP1 H2U A 17 6.88 18.80 5.25
OP2 H2U A 17 6.72 17.73 7.51
O5' H2U A 17 7.81 19.98 7.28
C5' H2U A 17 8.41 20.92 6.37
C4' H2U A 17 9.90 20.70 6.24
O4' H2U A 17 10.54 20.43 7.49
C3' H2U A 17 10.22 19.56 5.27
O3' H2U A 17 11.14 19.94 4.24
C1' H2U A 17 11.48 19.39 7.26
C2' H2U A 17 10.81 18.52 6.22
O2' H2U A 17 11.69 17.56 5.64
N1 H2U A 17 11.79 18.75 8.52
C2 H2U A 17 10.96 17.80 9.00
O2 H2U A 17 9.97 17.38 8.42
N3 H2U A 17 11.30 17.26 10.23
C4 H2U A 17 12.46 17.45 10.92
O4 H2U A 17 12.65 16.87 11.98
C5 H2U A 17 13.45 18.36 10.27
C6 H2U A 17 12.76 19.38 9.40
P M2G A 26 -9.90 -7.12 -1.96
OP1 M2G A 26 -11.12 -7.95 -1.76
OP2 M2G A 26 -8.86 -7.24 -0.91
O5' M2G A 26 -9.24 -7.43 -3.38
C5' M2G A 26 -9.88 -6.85 -4.55
C4' M2G A 26 -8.95 -6.95 -5.76
O4' M2G A 26 -8.10 -5.78 -5.78
C3' M2G A 26 -8.03 -8.16 -5.78
O3' M2G A 26 -8.65 -9.29 -6.39
C2' M2G A 26 -6.84 -7.62 -6.56
O2' M2G A 26 -7.12 -7.58 -7.95
C1' M2G A 26 -6.76 -6.18 -6.08
N9 M2G A 26 -5.93 -5.99 -4.87
C8 M2G A 26 -6.32 -5.79 -3.56
N7 M2G A 26 -5.32 -5.66 -2.72
C5 M2G A 26 -4.18 -5.77 -3.53
C6 M2G A 26 -2.82 -5.71 -3.18
O6 M2G A 26 -2.30 -5.54 -2.07
N1 M2G A 26 -1.99 -5.89 -4.31
C2 M2G A 26 -2.45 -6.07 -5.60
N2 M2G A 26 -1.51 -6.22 -6.53
N3 M2G A 26 -3.74 -6.14 -5.92
C4 M2G A 26 -4.54 -5.97 -4.84
CM1 M2G A 26 -0.78 -5.05 -7.05
CM2 M2G A 26 -1.28 -7.60 -6.98
N1 OMC A 32 -7.76 -20.75 8.82
C2 OMC A 32 -8.58 -20.40 7.75
N3 OMC A 32 -8.27 -20.82 6.50
C4 OMC A 32 -7.18 -21.58 6.29
C5 OMC A 32 -6.32 -21.96 7.38
C6 OMC A 32 -6.65 -21.52 8.62
O2 OMC A 32 -9.58 -19.69 7.98
N4 OMC A 32 -6.90 -21.97 5.07
C1' OMC A 32 -8.13 -20.26 10.17
C2' OMC A 32 -9.12 -21.16 10.90
O2' OMC A 32 -9.86 -20.33 11.79
CM2 OMC A 32 -10.78 -19.39 11.28
C3' OMC A 32 -8.19 -22.09 11.66
C4' OMC A 32 -7.09 -21.14 12.10
O4' OMC A 32 -6.95 -20.21 10.97
O3' OMC A 32 -8.82 -22.72 12.78
C5' OMC A 32 -5.72 -21.79 12.32
O5' OMC A 32 -5.62 -22.98 11.50
P OMC A 32 -4.16 -23.40 11.02
OP1 OMC A 32 -3.47 -24.20 12.06
OP2 OMC A 32 -4.25 -24.03 9.68
P OMG A 34 -13.57 -27.92 11.41
OP1 OMG A 34 -14.78 -28.69 11.80
OP2 OMG A 34 -12.51 -27.81 12.46
O5' OMG A 34 -12.93 -28.52 10.08
C5' OMG A 34 -12.88 -29.95 9.94
C4' OMG A 34 -13.52 -30.38 8.62
O4' OMG A 34 -14.94 -30.68 8.89
C3' OMG A 34 -13.53 -29.34 7.52
O3' OMG A 34 -12.33 -29.35 6.77
C2' OMG A 34 -14.75 -29.74 6.71
O2' OMG A 34 -14.47 -30.89 5.92
CM2 OMG A 34 -15.48 -31.45 5.09
C1' OMG A 34 -15.73 -30.18 7.80
N9 OMG A 34 -16.58 -29.08 8.32
C8 OMG A 34 -16.62 -28.52 9.58
N7 OMG A 34 -17.50 -27.56 9.70
C5 OMG A 34 -18.10 -27.49 8.44
C6 OMG A 34 -19.13 -26.63 7.96
O6 OMG A 34 -19.75 -25.76 8.57
N1 OMG A 34 -19.44 -26.89 6.62
C2 OMG A 34 -18.81 -27.87 5.85
N2 OMG A 34 -19.26 -27.95 4.59
N3 OMG A 34 -17.85 -28.66 6.29
C4 OMG A 34 -17.55 -28.41 7.59
N1 YG A 37 -16.68 -16.03 9.02
N2 YG A 37 -18.20 -14.41 8.79
C2 YG A 37 -17.46 -15.27 8.16
N3 YG A 37 -17.45 -15.40 6.84
C3 YG A 37 -18.26 -14.58 5.92
C4 YG A 37 -16.59 -16.37 6.44
C5 YG A 37 -15.78 -17.18 7.21
C6 YG A 37 -15.80 -17.04 8.62
O6 YG A 37 -15.15 -17.67 9.46
N7 YG A 37 -15.05 -18.05 6.39
C8 YG A 37 -15.42 -17.74 5.18
N9 YG A 37 -16.37 -16.72 5.12
C10 YG A 37 -18.53 -13.81 11.26
C11 YG A 37 -17.90 -14.61 10.11
C12 YG A 37 -16.99 -15.58 10.28
C13 YG A 37 -16.42 -16.08 11.60
C14 YG A 37 -16.66 -17.60 11.75
C15 YG A 37 -17.66 -17.86 12.88
C16 YG A 37 -19.07 -17.97 12.33
O17 YG A 37 -19.24 -18.19 11.12
O18 YG A 37 -20.14 -17.86 13.16
C19 YG A 37 -20.57 -16.56 13.59
N20 YG A 37 -17.28 -19.09 13.59
C21 YG A 37 -17.34 -20.26 12.97
O22 YG A 37 -17.71 -20.31 11.79
O23 YG A 37 -17.00 -21.40 13.62
C24 YG A 37 -17.57 -22.65 13.22
C1' YG A 37 -17.02 -16.12 3.94
C2' YG A 37 -16.34 -14.84 3.44
O2' YG A 37 -17.34 -14.05 2.82
C3' YG A 37 -15.36 -15.39 2.40
O3' YG A 37 -14.94 -14.42 1.46
C4' YG A 37 -16.17 -16.50 1.76
O4' YG A 37 -16.97 -17.06 2.86
C5' YG A 37 -15.36 -17.63 1.11
O5' YG A 37 -14.00 -17.19 0.99
P YG A 37 -12.83 -18.22 1.33
OP1 YG A 37 -11.69 -18.02 0.42
OP2 YG A 37 -12.52 -18.13 2.79
N1 PSU A 39 -10.69 -13.52 5.94
C2 PSU A 39 -9.54 -14.37 6.09
N3 PSU A 39 -8.92 -14.28 7.33
C4 PSU A 39 -9.32 -13.47 8.37
C5 PSU A 39 -10.42 -12.70 8.14
C6 PSU A 39 -11.10 -12.73 6.94
O2 PSU A 39 -9.10 -15.14 5.24
O4 PSU A 39 -8.69 -13.46 9.42
C1' PSU A 39 -10.87 -11.82 9.25
C2' PSU A 39 -9.75 -10.98 9.87
O2' PSU A 39 -10.05 -10.88 11.25
C3' PSU A 39 -9.94 -9.64 9.19
C4' PSU A 39 -11.45 -9.54 9.08
O3' PSU A 39 -9.39 -8.56 9.92
O4' PSU A 39 -11.83 -10.89 8.72
C5' PSU A 39 -11.98 -8.54 8.05
O5' PSU A 39 -11.45 -8.77 6.74
P PSU A 39 -12.41 -8.69 5.48
OP1 PSU A 39 -12.44 -7.30 4.94
OP2 PSU A 39 -12.02 -9.74 4.50
P 5MC A 40 -8.44 -7.49 9.21
OP1 5MC A 40 -8.72 -6.14 9.75
OP2 5MC A 40 -8.55 -7.61 7.73
O5' 5MC A 40 -7.00 -7.99 9.68
C5' 5MC A 40 -6.70 -8.00 11.08
C4' 5MC A 40 -5.85 -9.21 11.48
O4' 5MC A 40 -6.51 -10.45 11.12
C3' 5MC A 40 -4.48 -9.30 10.81
O3' 5MC A 40 -3.53 -8.45 11.41
C2' 5MC A 40 -4.16 -10.79 10.96
O2' 5MC A 40 -3.76 -11.08 12.29
C1' 5MC A 40 -5.54 -11.44 10.76
N1 5MC A 40 -5.80 -11.87 9.38
C2 5MC A 40 -5.05 -12.92 8.86
O2 5MC A 40 -4.21 -13.45 9.60
N3 5MC A 40 -5.28 -13.34 7.59
C4 5MC A 40 -6.21 -12.74 6.83
N4 5MC A 40 -6.40 -13.19 5.60
C5 5MC A 40 -7.00 -11.64 7.33
C6 5MC A 40 -6.76 -11.25 8.61
CM5 5MC A 40 -8.05 -10.92 6.54
P 7MG A 46 7.75 -2.76 -10.16
OP1 7MG A 46 7.98 -2.31 -11.56
OP2 7MG A 46 8.68 -3.80 -9.66
O5' 7MG A 46 7.77 -1.50 -9.17
C5' 7MG A 46 8.27 -0.27 -9.75
C4' 7MG A 46 7.18 0.41 -10.55
O4' 7MG A 46 6.30 1.03 -9.51
C3' 7MG A 46 7.70 1.71 -11.19
O3' 7MG A 46 6.73 2.32 -12.05
C2' 7MG A 46 7.97 2.56 -9.93
O2' 7MG A 46 8.24 3.94 -10.15
C1' 7MG A 46 6.72 2.31 -9.11
N9 7MG A 46 6.90 2.33 -7.64
C8 7MG A 46 7.97 1.91 -6.90
N7 7MG A 46 7.82 2.08 -5.61
C5 7MG A 46 6.55 2.66 -5.50
C6 7MG A 46 5.84 3.07 -4.35
O6 7MG A 46 6.17 3.01 -3.17
N1 7MG A 46 4.59 3.61 -4.69
C2 7MG A 46 4.10 3.73 -5.99
N2 7MG A 46 2.89 4.28 -6.10
N3 7MG A 46 4.77 3.35 -7.06
C4 7MG A 46 5.98 2.82 -6.74
CM7 7MG A 46 8.78 1.73 -4.57
P 5MC A 49 4.39 12.38 -11.07
OP1 5MC A 49 5.20 13.56 -10.65
OP2 5MC A 49 2.92 12.53 -10.88
O5' 5MC A 49 4.69 12.03 -12.60
C5' 5MC A 49 3.89 11.03 -13.27
C4' 5MC A 49 4.20 11.06 -14.76
O4' 5MC A 49 3.24 11.96 -15.39
C3' 5MC A 49 5.57 11.61 -15.15
O3' 5MC A 49 6.57 10.60 -15.11
C2' 5MC A 49 5.31 12.15 -16.54
O2' 5MC A 49 5.24 11.10 -17.49
C1' 5MC A 49 3.90 12.73 -16.40
N1 5MC A 49 3.86 14.15 -16.00
C2 5MC A 49 4.20 15.11 -16.94
O2 5MC A 49 4.51 14.73 -18.08
N3 5MC A 49 4.17 16.42 -16.60
C4 5MC A 49 3.83 16.79 -15.35
N4 5MC A 49 3.82 18.08 -15.06
C5 5MC A 49 3.48 15.81 -14.35
C6 5MC A 49 3.52 14.52 -14.72
CM5 5MC A 49 3.10 16.16 -12.94
N1 5MU A 54 18.63 23.47 -8.30
C2 5MU A 54 17.76 22.91 -7.39
N3 5MU A 54 17.50 21.57 -7.57
C4 5MU A 54 18.04 20.75 -8.55
C5 5MU A 54 18.94 21.43 -9.45
C5M 5MU A 54 19.64 20.75 -10.58
C6 5MU A 54 19.20 22.74 -9.30
O2 5MU A 54 17.23 23.53 -6.49
O4 5MU A 54 17.73 19.56 -8.61
C1' 5MU A 54 18.92 24.91 -8.14
C2' 5MU A 54 20.12 25.21 -7.23
O2' 5MU A 54 19.83 26.43 -6.56
C3' 5MU A 54 21.24 25.40 -8.23
C4' 5MU A 54 20.53 26.14 -9.36
O3' 5MU A 54 22.34 26.13 -7.73
O4' 5MU A 54 19.23 25.45 -9.43
C5' 5MU A 54 21.19 26.03 -10.74
O5' 5MU A 54 21.49 24.67 -11.03
P 5MU A 54 22.51 24.27 -12.19
OP1 5MU A 54 23.70 25.17 -12.15
OP2 5MU A 54 22.80 22.82 -12.11
N1 PSU A 55 21.59 21.02 -7.70
C2 PSU A 55 21.14 19.65 -7.86
N3 PSU A 55 20.63 19.10 -6.70
C4 PSU A 55 20.52 19.71 -5.47
C5 PSU A 55 20.98 21.00 -5.40
C6 PSU A 55 21.50 21.64 -6.51
O2 PSU A 55 21.17 19.02 -8.91
O4 PSU A 55 20.06 19.12 -4.51
C1' PSU A 55 20.89 21.69 -4.10
C2' PSU A 55 22.11 21.49 -3.21
O2' PSU A 55 21.67 21.58 -1.87
C3' PSU A 55 22.97 22.70 -3.57
C4' PSU A 55 21.92 23.79 -3.77
O3' PSU A 55 23.91 23.05 -2.58
O4' PSU A 55 20.77 23.09 -4.34
C5' PSU A 55 22.32 24.94 -4.68
O5' PSU A 55 22.61 24.38 -5.99
P PSU A 55 23.48 25.29 -6.98
OP1 PSU A 55 24.33 26.22 -6.21
OP2 PSU A 55 24.19 24.42 -7.95
P 1MA A 58 19.32 15.13 -6.36
OP1 1MA A 58 19.21 14.11 -7.43
OP2 1MA A 58 19.82 16.46 -6.80
O5' 1MA A 58 17.92 15.31 -5.62
C5' 1MA A 58 17.13 14.15 -5.34
C4' 1MA A 58 15.67 14.50 -5.10
O4' 1MA A 58 15.58 15.88 -4.59
C3' 1MA A 58 14.85 14.45 -6.39
O3' 1MA A 58 13.54 13.90 -6.19
C2' 1MA A 58 14.82 15.94 -6.77
O2' 1MA A 58 13.81 16.33 -7.70
C1' 1MA A 58 14.68 16.60 -5.42
N9 1MA A 58 15.02 18.04 -5.37
C8 1MA A 58 15.93 18.72 -6.12
N7 1MA A 58 15.98 19.99 -5.83
C5 1MA A 58 15.02 20.15 -4.86
C6 1MA A 58 14.57 21.28 -4.14
N6 1MA A 58 15.08 22.51 -4.32
N1 1MA A 58 13.60 21.09 -3.24
CM1 1MA A 58 13.08 22.23 -2.42
C2 1MA A 58 13.10 19.86 -3.07
N3 1MA A 58 13.44 18.74 -3.67
C4 1MA A 58 14.41 18.96 -4.56
MG MG B . 10.47 13.65 3.65
MG MG C . 16.49 6.64 -1.07
MG MG D . -3.81 6.66 -11.48
MG MG E . -11.65 -18.49 4.84
#